data_3V0S
#
_entry.id   3V0S
#
_cell.length_a   55.199
_cell.length_b   55.199
_cell.length_c   210.228
_cell.angle_alpha   90.00
_cell.angle_beta   90.00
_cell.angle_gamma   120.00
#
_symmetry.space_group_name_H-M   'P 32 2 1'
#
loop_
_entity.id
_entity.type
_entity.pdbx_description
1 polymer 'Perakine reductase'
2 non-polymer "2'-MONOPHOSPHOADENOSINE-5'-DIPHOSPHATE"
3 water water
#
_entity_poly.entity_id   1
_entity_poly.type   'polypeptide(L)'
_entity_poly.pdbx_seq_one_letter_code
;MPRVKLGTQGLEVSKLGFGCMGLSGDYNDALPEEQGIAVIKEAFNCGITFFDTSDIYGENGSNEELLGKALKQLPRE
(MLZ)IQVGTKFGIHEIGFSGVKA(M3L)GTPDYVRSCCEASLKRLDVDYIDLFYIHRIDTTVPIEITMGEL(MLY)
(MLZ)LVEEGKI(MLZ)YVGLSEASPDTIRRAHAVHPVTALQIEYSLWTRDIEDEIVPLCRQLGIGIVPYSPIGRGLFWG
KAIKESLPENSVLTSHPRFVGENLEKNKQIYYRIEALSQKHGCTPVQLALAWVLHQGEDVVPIPGTTKIKNLHNNVGALK
V(M3L)LTKEDLKEISDAVPLDEVAGESIHEVIAVTNWKFANTPPLK
;
_entity_poly.pdbx_strand_id   A
#
loop_
_chem_comp.id
_chem_comp.type
_chem_comp.name
_chem_comp.formula
ATR non-polymer 2'-MONOPHOSPHOADENOSINE-5'-DIPHOSPHATE 'C10 H16 N5 O13 P3'
#
# COMPACT_ATOMS: atom_id res chain seq x y z
N MET A 1 -14.11 4.60 -11.19
CA MET A 1 -13.01 3.83 -10.50
C MET A 1 -13.23 2.31 -10.50
N PRO A 2 -12.38 1.58 -11.21
CA PRO A 2 -12.51 0.13 -11.25
C PRO A 2 -12.26 -0.48 -9.87
N ARG A 3 -12.87 -1.63 -9.67
CA ARG A 3 -12.73 -2.35 -8.42
C ARG A 3 -12.09 -3.69 -8.67
N VAL A 4 -11.27 -4.15 -7.73
CA VAL A 4 -10.59 -5.41 -7.93
C VAL A 4 -10.65 -6.25 -6.68
N LYS A 5 -10.60 -7.55 -6.91
CA LYS A 5 -10.57 -8.52 -5.84
C LYS A 5 -9.14 -8.64 -5.34
N LEU A 6 -8.95 -8.30 -4.07
CA LEU A 6 -7.64 -8.41 -3.47
C LEU A 6 -7.56 -9.70 -2.66
N GLY A 7 -6.74 -10.63 -3.13
CA GLY A 7 -6.72 -11.97 -2.57
C GLY A 7 -7.97 -12.76 -2.99
N THR A 8 -8.19 -13.91 -2.35
CA THR A 8 -9.27 -14.80 -2.81
C THR A 8 -10.38 -14.99 -1.80
N GLN A 9 -10.29 -14.29 -0.67
CA GLN A 9 -11.22 -14.53 0.42
C GLN A 9 -12.46 -13.64 0.35
N GLY A 10 -12.46 -12.64 -0.53
CA GLY A 10 -13.63 -11.81 -0.74
C GLY A 10 -13.37 -10.31 -0.62
N LEU A 11 -12.18 -9.90 -0.19
CA LEU A 11 -11.91 -8.48 -0.15
C LEU A 11 -11.98 -7.87 -1.54
N GLU A 12 -12.66 -6.73 -1.65
CA GLU A 12 -12.73 -6.01 -2.91
C GLU A 12 -12.44 -4.54 -2.60
N VAL A 13 -11.53 -3.97 -3.36
CA VAL A 13 -11.03 -2.62 -3.12
C VAL A 13 -11.05 -1.83 -4.43
N SER A 14 -10.91 -0.51 -4.33
CA SER A 14 -10.67 0.35 -5.49
C SER A 14 -9.28 0.01 -6.06
N LYS A 15 -9.12 0.12 -7.38
CA LYS A 15 -7.86 -0.28 -8.03
C LYS A 15 -6.72 0.56 -7.50
N LEU A 16 -7.03 1.77 -7.07
CA LEU A 16 -6.03 2.59 -6.41
C LEU A 16 -6.47 2.75 -4.97
N GLY A 17 -5.54 2.54 -4.05
CA GLY A 17 -5.74 2.78 -2.63
C GLY A 17 -5.11 4.11 -2.21
N PHE A 18 -5.29 4.49 -0.96
CA PHE A 18 -4.70 5.72 -0.42
C PHE A 18 -3.97 5.45 0.87
N GLY A 19 -2.68 5.82 0.91
CA GLY A 19 -1.92 5.70 2.15
C GLY A 19 -2.03 6.92 3.04
N CYS A 20 -2.52 6.72 4.27
CA CYS A 20 -2.78 7.83 5.16
C CYS A 20 -1.57 8.29 5.96
N MET A 21 -0.49 7.52 5.92
CA MET A 21 0.66 7.82 6.80
C MET A 21 1.09 9.29 6.79
N GLY A 22 1.30 9.84 5.60
CA GLY A 22 1.80 11.19 5.45
C GLY A 22 0.97 12.27 6.12
N LEU A 23 -0.33 12.04 6.26
CA LEU A 23 -1.22 13.01 6.86
C LEU A 23 -0.90 13.32 8.34
N SER A 24 -0.16 12.44 9.02
CA SER A 24 0.19 12.64 10.44
C SER A 24 1.67 12.95 10.68
N PRO A 32 -2.43 18.95 9.82
CA PRO A 32 -3.52 19.78 10.36
C PRO A 32 -4.87 19.09 10.09
N GLU A 33 -5.48 18.64 11.17
CA GLU A 33 -6.59 17.69 11.12
C GLU A 33 -7.70 17.96 10.12
N GLU A 34 -8.21 19.18 10.09
CA GLU A 34 -9.33 19.47 9.21
C GLU A 34 -8.90 19.13 7.79
N GLN A 35 -7.65 19.45 7.50
CA GLN A 35 -7.17 19.38 6.14
C GLN A 35 -6.84 17.92 5.76
N GLY A 36 -6.37 17.16 6.75
CA GLY A 36 -6.16 15.72 6.56
C GLY A 36 -7.50 15.05 6.28
N ILE A 37 -8.50 15.37 7.09
CA ILE A 37 -9.83 14.83 6.87
C ILE A 37 -10.33 15.17 5.47
N ALA A 38 -10.07 16.39 5.02
CA ALA A 38 -10.51 16.82 3.69
C ALA A 38 -9.87 16.02 2.55
N VAL A 39 -8.59 15.70 2.68
CA VAL A 39 -7.94 14.85 1.68
C VAL A 39 -8.60 13.49 1.61
N ILE A 40 -8.85 12.88 2.77
CA ILE A 40 -9.47 11.55 2.80
C ILE A 40 -10.86 11.63 2.17
N LYS A 41 -11.63 12.64 2.52
CA LYS A 41 -12.98 12.74 1.98
C LYS A 41 -12.95 12.93 0.44
N GLU A 42 -12.01 13.72 -0.06
CA GLU A 42 -11.90 13.94 -1.50
C GLU A 42 -11.42 12.66 -2.23
N ALA A 43 -10.58 11.88 -1.56
CA ALA A 43 -10.16 10.60 -2.14
C ALA A 43 -11.39 9.74 -2.32
N PHE A 44 -12.24 9.71 -1.32
CA PHE A 44 -13.46 8.93 -1.44
C PHE A 44 -14.38 9.45 -2.56
N ASN A 45 -14.47 10.78 -2.69
CA ASN A 45 -15.25 11.39 -3.75
C ASN A 45 -14.70 11.06 -5.12
N CYS A 46 -13.41 10.76 -5.19
CA CYS A 46 -12.78 10.28 -6.41
C CYS A 46 -12.90 8.75 -6.61
N GLY A 47 -13.59 8.08 -5.71
CA GLY A 47 -13.84 6.66 -5.87
C GLY A 47 -12.85 5.75 -5.16
N ILE A 48 -11.90 6.35 -4.46
CA ILE A 48 -10.96 5.54 -3.68
C ILE A 48 -11.67 5.10 -2.41
N THR A 49 -11.70 3.79 -2.14
CA THR A 49 -12.40 3.27 -0.97
C THR A 49 -11.49 2.50 -0.01
N PHE A 50 -10.23 2.32 -0.41
CA PHE A 50 -9.25 1.50 0.29
C PHE A 50 -8.24 2.43 0.96
N PHE A 51 -8.25 2.48 2.30
CA PHE A 51 -7.42 3.41 3.05
C PHE A 51 -6.55 2.70 4.01
N ASP A 52 -5.27 3.08 4.01
CA ASP A 52 -4.24 2.31 4.70
C ASP A 52 -3.62 3.15 5.83
N THR A 53 -3.51 2.55 7.00
CA THR A 53 -2.85 3.16 8.13
C THR A 53 -2.13 2.08 8.95
N SER A 54 -1.60 2.45 10.10
CA SER A 54 -1.00 1.49 11.02
C SER A 54 -1.02 2.13 12.40
N ASP A 55 -0.96 1.30 13.43
CA ASP A 55 -0.94 1.80 14.80
C ASP A 55 0.29 2.63 15.04
N ILE A 56 1.34 2.43 14.25
CA ILE A 56 2.63 3.03 14.58
C ILE A 56 2.76 4.43 13.95
N TYR A 57 1.81 4.80 13.07
CA TYR A 57 1.87 6.06 12.35
C TYR A 57 1.36 7.17 13.26
N GLY A 58 1.92 8.37 13.12
CA GLY A 58 1.54 9.47 13.98
C GLY A 58 2.10 9.26 15.36
N GLU A 59 1.57 9.98 16.33
CA GLU A 59 2.00 9.86 17.72
C GLU A 59 0.90 9.17 18.47
N ASN A 60 1.24 8.11 19.19
CA ASN A 60 0.26 7.37 19.95
C ASN A 60 -1.02 7.06 19.14
N GLY A 61 -0.86 6.62 17.90
CA GLY A 61 -1.98 6.18 17.09
C GLY A 61 -2.82 7.30 16.51
N SER A 62 -2.22 8.47 16.36
CA SER A 62 -2.96 9.63 15.87
C SER A 62 -3.40 9.52 14.40
N ASN A 63 -2.65 8.79 13.57
CA ASN A 63 -3.08 8.52 12.19
C ASN A 63 -4.37 7.69 12.14
N GLU A 64 -4.45 6.62 12.94
CA GLU A 64 -5.69 5.86 13.07
C GLU A 64 -6.82 6.74 13.59
N GLU A 65 -6.52 7.60 14.56
CA GLU A 65 -7.56 8.52 15.07
C GLU A 65 -8.05 9.46 14.00
N LEU A 66 -7.12 9.96 13.18
CA LEU A 66 -7.47 10.83 12.07
C LEU A 66 -8.39 10.11 11.09
N LEU A 67 -8.05 8.86 10.74
CA LEU A 67 -8.84 8.15 9.74
C LEU A 67 -10.22 7.92 10.31
N GLY A 68 -10.25 7.60 11.60
CA GLY A 68 -11.52 7.35 12.31
C GLY A 68 -12.44 8.54 12.26
N LYS A 69 -11.88 9.73 12.44
CA LYS A 69 -12.67 10.96 12.34
C LYS A 69 -13.18 11.19 10.92
N ALA A 70 -12.32 10.90 9.94
CA ALA A 70 -12.69 11.10 8.55
C ALA A 70 -13.84 10.17 8.19
N LEU A 71 -13.78 8.96 8.75
CA LEU A 71 -14.80 7.95 8.46
C LEU A 71 -16.17 8.41 8.89
N LYS A 72 -16.23 9.26 9.91
CA LYS A 72 -17.52 9.71 10.45
C LYS A 72 -18.26 10.58 9.43
N GLN A 73 -17.55 11.03 8.41
CA GLN A 73 -18.13 11.82 7.33
C GLN A 73 -18.37 11.01 6.04
N LEU A 74 -18.16 9.70 6.12
CA LEU A 74 -18.29 8.78 4.99
C LEU A 74 -19.19 7.60 5.36
N PRO A 75 -19.67 6.86 4.35
CA PRO A 75 -20.38 5.59 4.55
C PRO A 75 -19.37 4.49 4.84
N ARG A 76 -19.24 4.18 6.14
CA ARG A 76 -18.27 3.20 6.65
C ARG A 76 -18.26 1.91 5.83
N GLU A 77 -19.45 1.40 5.52
CA GLU A 77 -19.58 0.11 4.91
C GLU A 77 -19.15 0.09 3.43
N MLZ A 78 -18.92 1.25 2.84
CA MLZ A 78 -18.38 1.39 1.50
CB MLZ A 78 -18.85 2.67 0.84
CG MLZ A 78 -19.97 2.57 -0.13
CD MLZ A 78 -20.92 1.43 0.05
CE MLZ A 78 -22.23 1.76 -0.65
NZ MLZ A 78 -22.70 0.66 -1.49
CM MLZ A 78 -24.08 0.89 -1.81
C MLZ A 78 -16.84 1.44 1.49
O MLZ A 78 -16.22 1.44 0.40
H MLZ A 78 -19.08 2.07 3.21
HA MLZ A 78 -18.69 0.63 0.99
HB2 MLZ A 78 -18.10 3.08 0.40
HB3 MLZ A 78 -19.13 3.27 1.57
HG2 MLZ A 78 -20.48 3.39 -0.09
HG3 MLZ A 78 -19.60 2.50 -1.01
HD2 MLZ A 78 -20.54 0.63 -0.35
HD3 MLZ A 78 -21.09 1.27 0.98
HE2 MLZ A 78 -22.91 1.95 0.04
HE3 MLZ A 78 -22.11 2.55 -1.21
HZ MLZ A 78 -22.20 0.64 -2.27
HCM1 MLZ A 78 -24.59 0.96 -0.97
HCM2 MLZ A 78 -24.42 0.13 -2.32
HCM3 MLZ A 78 -24.16 1.71 -2.32
N ILE A 79 -16.23 1.53 2.66
CA ILE A 79 -14.77 1.73 2.75
C ILE A 79 -14.08 0.49 3.28
N GLN A 80 -12.92 0.18 2.70
CA GLN A 80 -12.07 -0.89 3.23
C GLN A 80 -10.91 -0.27 4.00
N VAL A 81 -10.88 -0.53 5.30
CA VAL A 81 -9.86 0.02 6.20
C VAL A 81 -8.80 -1.02 6.38
N GLY A 82 -7.56 -0.66 6.01
CA GLY A 82 -6.42 -1.50 6.30
C GLY A 82 -5.62 -0.86 7.44
N THR A 83 -5.35 -1.62 8.50
CA THR A 83 -4.38 -1.14 9.47
C THR A 83 -3.52 -2.27 9.92
N LYS A 84 -2.60 -1.98 10.86
CA LYS A 84 -1.59 -2.98 11.18
C LYS A 84 -1.18 -2.93 12.66
N PHE A 85 -0.50 -3.99 13.08
CA PHE A 85 0.12 -4.07 14.40
C PHE A 85 1.47 -4.74 14.24
N GLY A 86 2.29 -4.66 15.27
CA GLY A 86 3.50 -5.47 15.30
C GLY A 86 4.74 -4.75 15.75
N ILE A 87 4.87 -3.47 15.38
CA ILE A 87 6.04 -2.71 15.83
C ILE A 87 5.77 -2.27 17.24
N HIS A 88 6.62 -2.70 18.18
CA HIS A 88 6.31 -2.54 19.59
C HIS A 88 7.20 -1.47 20.21
N GLU A 89 8.44 -1.41 19.78
CA GLU A 89 9.29 -0.28 20.16
C GLU A 89 10.31 0.02 19.07
N ILE A 90 10.72 1.28 19.06
CA ILE A 90 11.68 1.78 18.10
C ILE A 90 12.70 2.53 18.92
N GLY A 91 13.97 2.21 18.71
CA GLY A 91 15.00 2.88 19.47
C GLY A 91 16.30 2.87 18.73
N PHE A 92 17.35 3.29 19.42
CA PHE A 92 18.64 3.36 18.77
C PHE A 92 19.02 2.04 18.12
N SER A 93 18.77 0.95 18.84
CA SER A 93 19.16 -0.37 18.38
C SER A 93 18.31 -0.85 17.21
N GLY A 94 17.17 -0.22 16.99
CA GLY A 94 16.35 -0.55 15.84
C GLY A 94 14.92 -0.86 16.21
N VAL A 95 14.19 -1.46 15.28
CA VAL A 95 12.77 -1.73 15.47
C VAL A 95 12.54 -3.12 16.07
N LYS A 96 11.74 -3.19 17.13
CA LYS A 96 11.40 -4.47 17.78
C LYS A 96 9.93 -4.88 17.49
N ALA A 97 9.75 -6.02 16.83
CA ALA A 97 8.42 -6.53 16.50
C ALA A 97 7.92 -7.48 17.62
N M3L A 98 6.61 -7.60 17.78
CA M3L A 98 6.00 -8.50 18.74
CB M3L A 98 5.62 -7.71 20.01
CG M3L A 98 5.12 -8.70 21.08
CD M3L A 98 4.59 -7.97 22.33
CE M3L A 98 5.74 -7.58 23.23
NZ M3L A 98 5.40 -7.76 24.67
C M3L A 98 4.82 -9.20 18.10
O M3L A 98 3.96 -8.48 17.54
CM1 M3L A 98 5.14 -9.15 24.98
CM2 M3L A 98 4.21 -6.98 25.04
CM3 M3L A 98 6.55 -7.32 25.41
H M3L A 98 5.97 -7.13 17.31
HA M3L A 98 6.68 -9.17 18.91
HB2 M3L A 98 6.41 -7.22 20.36
HB3 M3L A 98 4.91 -7.07 19.80
HG2 M3L A 98 5.88 -9.26 21.35
HG3 M3L A 98 4.43 -9.27 20.72
HD2 M3L A 98 4.00 -8.57 22.81
HD3 M3L A 98 4.10 -7.18 22.06
HE2 M3L A 98 6.50 -8.15 23.02
HE3 M3L A 98 5.98 -6.66 23.07
HM11 M3L A 98 4.36 -9.47 24.48
HM12 M3L A 98 5.93 -9.69 24.74
HM13 M3L A 98 4.98 -9.24 25.94
HM21 M3L A 98 4.25 -6.10 24.61
HM22 M3L A 98 4.20 -6.86 26.00
HM23 M3L A 98 3.40 -7.46 24.76
HM31 M3L A 98 6.30 -7.17 26.34
HM32 M3L A 98 7.24 -8.02 25.37
HM33 M3L A 98 6.89 -6.50 25.03
N GLY A 99 4.77 -10.53 18.14
CA GLY A 99 3.67 -11.27 17.55
C GLY A 99 3.04 -12.34 18.43
N THR A 100 3.11 -12.16 19.74
CA THR A 100 2.44 -13.10 20.64
C THR A 100 0.92 -12.88 20.56
N PRO A 101 0.15 -13.95 20.76
CA PRO A 101 -1.30 -13.80 20.61
C PRO A 101 -1.91 -12.70 21.47
N ASP A 102 -1.39 -12.46 22.66
CA ASP A 102 -1.97 -11.44 23.53
C ASP A 102 -1.80 -10.07 22.91
N TYR A 103 -0.66 -9.86 22.25
CA TYR A 103 -0.33 -8.57 21.65
C TYR A 103 -1.17 -8.38 20.38
N VAL A 104 -1.34 -9.44 19.62
CA VAL A 104 -2.20 -9.36 18.43
C VAL A 104 -3.57 -8.83 18.83
N ARG A 105 -4.17 -9.44 19.85
CA ARG A 105 -5.51 -9.10 20.29
C ARG A 105 -5.58 -7.71 20.89
N SER A 106 -4.61 -7.34 21.71
CA SER A 106 -4.63 -6.01 22.32
C SER A 106 -4.42 -4.89 21.31
N CYS A 107 -3.58 -5.13 20.32
CA CYS A 107 -3.37 -4.16 19.28
C CYS A 107 -4.65 -3.99 18.48
N CYS A 108 -5.31 -5.11 18.21
CA CYS A 108 -6.51 -5.06 17.40
C CYS A 108 -7.58 -4.24 18.13
N GLU A 109 -7.76 -4.49 19.42
CA GLU A 109 -8.75 -3.77 20.18
C GLU A 109 -8.44 -2.26 20.24
N ALA A 110 -7.17 -1.92 20.42
CA ALA A 110 -6.76 -0.54 20.48
C ALA A 110 -7.00 0.19 19.16
N SER A 111 -6.80 -0.51 18.06
CA SER A 111 -7.03 0.05 16.73
C SER A 111 -8.54 0.22 16.51
N LEU A 112 -9.33 -0.78 16.91
CA LEU A 112 -10.79 -0.66 16.79
C LEU A 112 -11.26 0.60 17.53
N LYS A 113 -10.69 0.86 18.71
CA LYS A 113 -11.08 1.99 19.53
C LYS A 113 -10.62 3.31 18.90
N ARG A 114 -9.37 3.38 18.44
CA ARG A 114 -8.88 4.63 17.85
C ARG A 114 -9.59 4.95 16.53
N LEU A 115 -9.86 3.94 15.72
CA LEU A 115 -10.61 4.14 14.47
C LEU A 115 -12.11 4.32 14.73
N ASP A 116 -12.54 4.00 15.95
CA ASP A 116 -13.95 4.02 16.30
C ASP A 116 -14.80 3.21 15.32
N VAL A 117 -14.40 1.98 15.07
CA VAL A 117 -15.13 1.09 14.17
C VAL A 117 -15.41 -0.22 14.88
N ASP A 118 -16.40 -0.97 14.39
CA ASP A 118 -16.71 -2.28 14.94
C ASP A 118 -15.87 -3.40 14.33
N TYR A 119 -15.29 -3.16 13.16
CA TYR A 119 -14.43 -4.15 12.52
C TYR A 119 -13.39 -3.44 11.65
N ILE A 120 -12.27 -4.12 11.45
CA ILE A 120 -11.23 -3.72 10.50
C ILE A 120 -11.30 -4.66 9.28
N ASP A 121 -11.24 -4.11 8.08
CA ASP A 121 -11.33 -4.94 6.88
C ASP A 121 -10.07 -5.80 6.68
N LEU A 122 -8.90 -5.15 6.71
CA LEU A 122 -7.68 -5.81 6.43
C LEU A 122 -6.68 -5.47 7.54
N PHE A 123 -6.22 -6.48 8.27
CA PHE A 123 -5.33 -6.24 9.44
C PHE A 123 -4.03 -6.95 9.14
N TYR A 124 -2.93 -6.18 9.10
CA TYR A 124 -1.64 -6.71 8.72
C TYR A 124 -0.75 -6.92 9.93
N ILE A 125 0.08 -7.95 9.87
CA ILE A 125 1.34 -8.01 10.63
C ILE A 125 2.33 -7.01 9.98
N HIS A 126 2.62 -5.91 10.68
CA HIS A 126 3.45 -4.84 10.11
C HIS A 126 4.93 -5.26 9.98
N ARG A 127 5.40 -5.96 11.00
CA ARG A 127 6.75 -6.54 10.97
C ARG A 127 6.73 -7.90 11.63
N ILE A 128 7.47 -8.82 11.05
CA ILE A 128 7.48 -10.19 11.53
C ILE A 128 8.29 -10.31 12.82
N ASP A 129 7.74 -11.04 13.79
CA ASP A 129 8.43 -11.32 15.05
C ASP A 129 9.25 -12.58 14.84
N THR A 130 10.57 -12.43 14.70
CA THR A 130 11.41 -13.57 14.35
C THR A 130 11.64 -14.52 15.53
N THR A 131 11.07 -14.22 16.70
CA THR A 131 11.17 -15.10 17.86
C THR A 131 9.89 -15.91 18.13
N VAL A 132 8.84 -15.67 17.35
CA VAL A 132 7.59 -16.41 17.55
C VAL A 132 7.21 -17.08 16.25
N PRO A 133 7.03 -18.41 16.27
CA PRO A 133 6.63 -19.11 15.05
C PRO A 133 5.42 -18.40 14.45
N ILE A 134 5.41 -18.24 13.14
CA ILE A 134 4.40 -17.38 12.49
C ILE A 134 3.00 -18.02 12.64
N GLU A 135 2.96 -19.34 12.74
CA GLU A 135 1.71 -20.05 12.94
C GLU A 135 0.95 -19.55 14.18
N ILE A 136 1.69 -19.16 15.21
CA ILE A 136 1.07 -18.75 16.48
C ILE A 136 0.39 -17.40 16.32
N THR A 137 1.10 -16.51 15.64
CA THR A 137 0.58 -15.18 15.39
C THR A 137 -0.69 -15.28 14.51
N MET A 138 -0.56 -16.04 13.43
CA MET A 138 -1.67 -16.24 12.47
C MET A 138 -2.85 -16.93 13.14
N GLY A 139 -2.58 -17.75 14.16
CA GLY A 139 -3.63 -18.43 14.91
C GLY A 139 -4.56 -17.47 15.61
N GLU A 140 -3.99 -16.45 16.24
CA GLU A 140 -4.79 -15.42 16.89
C GLU A 140 -5.51 -14.56 15.84
N LEU A 141 -4.85 -14.30 14.71
CA LEU A 141 -5.50 -13.53 13.64
C LEU A 141 -6.68 -14.34 13.11
N MLY A 142 -6.52 -15.66 13.01
CA MLY A 142 -7.65 -16.51 12.60
CB MLY A 142 -7.16 -17.96 12.45
CG MLY A 142 -8.29 -18.94 12.13
CD MLY A 142 -7.79 -20.34 12.00
CE MLY A 142 -8.98 -21.22 11.70
NZ MLY A 142 -9.04 -22.49 12.45
CH1 MLY A 142 -8.65 -22.29 13.86
CH2 MLY A 142 -10.41 -23.01 12.33
C MLY A 142 -8.85 -16.39 13.58
O MLY A 142 -10.02 -16.25 13.16
N MLZ A 143 -8.56 -16.39 14.87
CA MLZ A 143 -9.59 -16.18 15.88
CB MLZ A 143 -9.01 -16.29 17.27
CG MLZ A 143 -8.76 -17.73 17.61
CD MLZ A 143 -8.00 -17.85 18.93
CE MLZ A 143 -8.67 -17.03 20.00
NZ MLZ A 143 -7.69 -16.60 21.00
CM MLZ A 143 -8.32 -16.04 22.16
C MLZ A 143 -10.28 -14.83 15.71
O MLZ A 143 -11.51 -14.74 15.82
N LEU A 144 -9.52 -13.77 15.44
CA LEU A 144 -10.09 -12.44 15.22
C LEU A 144 -11.02 -12.38 14.00
N VAL A 145 -10.65 -13.11 12.94
CA VAL A 145 -11.51 -13.25 11.74
C VAL A 145 -12.79 -13.97 12.10
N GLU A 146 -12.68 -15.04 12.89
CA GLU A 146 -13.85 -15.84 13.24
C GLU A 146 -14.79 -15.06 14.14
N GLU A 147 -14.25 -14.19 14.99
CA GLU A 147 -15.08 -13.34 15.83
C GLU A 147 -15.66 -12.08 15.15
N GLY A 148 -15.25 -11.83 13.90
CA GLY A 148 -15.67 -10.63 13.18
C GLY A 148 -14.98 -9.33 13.55
N LYS A 149 -13.91 -9.40 14.33
CA LYS A 149 -13.12 -8.22 14.66
C LYS A 149 -12.36 -7.67 13.45
N ILE A 150 -11.88 -8.59 12.63
CA ILE A 150 -11.24 -8.24 11.35
C ILE A 150 -11.83 -9.17 10.31
N MLZ A 151 -11.75 -8.80 9.03
CA MLZ A 151 -12.28 -9.64 7.96
CB MLZ A 151 -13.13 -8.91 6.92
CG MLZ A 151 -14.22 -8.17 7.58
CD MLZ A 151 -15.08 -7.38 6.64
CE MLZ A 151 -15.69 -8.23 5.54
NZ MLZ A 151 -16.20 -7.36 4.47
CM MLZ A 151 -16.74 -8.15 3.40
C MLZ A 151 -11.19 -10.40 7.28
O MLZ A 151 -11.37 -11.61 7.00
N TYR A 152 -10.05 -9.75 7.02
CA TYR A 152 -9.00 -10.37 6.24
C TYR A 152 -7.65 -10.08 6.89
N VAL A 153 -6.68 -10.93 6.61
CA VAL A 153 -5.33 -10.82 7.16
C VAL A 153 -4.28 -10.45 6.10
N GLY A 154 -3.40 -9.53 6.46
CA GLY A 154 -2.29 -9.21 5.59
C GLY A 154 -0.94 -9.45 6.24
N LEU A 155 0.07 -9.56 5.40
CA LEU A 155 1.47 -9.54 5.87
C LEU A 155 2.20 -8.38 5.23
N SER A 156 3.32 -7.98 5.83
CA SER A 156 4.14 -6.94 5.26
C SER A 156 5.60 -7.37 5.41
N GLU A 157 6.38 -7.25 4.35
CA GLU A 157 7.82 -7.47 4.44
C GLU A 157 8.12 -8.87 4.98
N ALA A 158 7.45 -9.88 4.45
CA ALA A 158 7.61 -11.23 4.96
C ALA A 158 8.41 -12.10 4.00
N SER A 159 9.21 -13.00 4.57
CA SER A 159 9.98 -13.96 3.73
C SER A 159 9.07 -14.96 3.04
N PRO A 160 9.59 -15.62 1.98
CA PRO A 160 8.75 -16.64 1.32
C PRO A 160 8.28 -17.73 2.29
N ASP A 161 9.17 -18.13 3.19
CA ASP A 161 8.88 -19.16 4.18
C ASP A 161 7.79 -18.69 5.15
N THR A 162 7.86 -17.43 5.57
CA THR A 162 6.84 -16.90 6.45
C THR A 162 5.49 -16.83 5.73
N ILE A 163 5.50 -16.39 4.48
CA ILE A 163 4.24 -16.32 3.70
C ILE A 163 3.58 -17.71 3.60
N ARG A 164 4.37 -18.71 3.20
CA ARG A 164 3.82 -20.03 2.99
C ARG A 164 3.27 -20.58 4.30
N ARG A 165 4.03 -20.42 5.38
CA ARG A 165 3.60 -21.00 6.66
C ARG A 165 2.38 -20.29 7.23
N ALA A 166 2.34 -18.98 7.06
CA ALA A 166 1.18 -18.19 7.46
C ALA A 166 -0.09 -18.65 6.75
N HIS A 167 0.01 -18.74 5.43
CA HIS A 167 -1.12 -19.02 4.53
C HIS A 167 -1.72 -20.42 4.83
N ALA A 168 -0.87 -21.33 5.27
CA ALA A 168 -1.30 -22.69 5.64
C ALA A 168 -2.21 -22.69 6.87
N VAL A 169 -2.10 -21.66 7.70
CA VAL A 169 -2.85 -21.56 8.95
C VAL A 169 -4.15 -20.85 8.68
N HIS A 170 -4.07 -19.76 7.92
CA HIS A 170 -5.25 -18.99 7.53
C HIS A 170 -4.90 -18.23 6.26
N PRO A 171 -5.78 -18.25 5.26
CA PRO A 171 -5.41 -17.66 3.97
C PRO A 171 -5.08 -16.18 4.13
N VAL A 172 -3.92 -15.81 3.62
CA VAL A 172 -3.50 -14.42 3.54
C VAL A 172 -4.13 -13.67 2.35
N THR A 173 -4.73 -12.54 2.66
CA THR A 173 -5.41 -11.74 1.66
C THR A 173 -4.45 -10.82 0.88
N ALA A 174 -3.45 -10.25 1.55
CA ALA A 174 -2.57 -9.32 0.86
C ALA A 174 -1.19 -9.35 1.47
N LEU A 175 -0.23 -9.06 0.62
CA LEU A 175 1.16 -8.75 1.04
C LEU A 175 1.51 -7.32 0.66
N GLN A 176 1.91 -6.52 1.65
CA GLN A 176 2.34 -5.16 1.39
C GLN A 176 3.87 -5.15 1.38
N ILE A 177 4.45 -4.67 0.28
CA ILE A 177 5.89 -4.69 0.08
C ILE A 177 6.25 -3.49 -0.76
N GLU A 178 7.50 -3.07 -0.73
CA GLU A 178 7.87 -1.98 -1.62
C GLU A 178 7.99 -2.46 -3.06
N TYR A 179 7.41 -1.70 -3.99
CA TYR A 179 7.51 -2.07 -5.40
C TYR A 179 7.29 -0.85 -6.27
N SER A 180 8.20 -0.66 -7.20
CA SER A 180 8.17 0.47 -8.13
C SER A 180 9.16 0.20 -9.25
N LEU A 181 9.21 1.09 -10.23
CA LEU A 181 10.25 1.01 -11.26
C LEU A 181 11.62 0.97 -10.66
N TRP A 182 11.76 1.58 -9.48
CA TRP A 182 13.08 1.72 -8.84
C TRP A 182 13.39 0.59 -7.89
N THR A 183 12.41 -0.25 -7.63
CA THR A 183 12.58 -1.31 -6.65
C THR A 183 11.79 -2.53 -7.05
N ARG A 184 12.42 -3.47 -7.73
CA ARG A 184 11.68 -4.58 -8.34
C ARG A 184 12.13 -5.94 -7.83
N ASP A 185 12.73 -5.94 -6.64
CA ASP A 185 13.23 -7.16 -6.04
C ASP A 185 12.20 -8.27 -5.86
N ILE A 186 10.93 -7.90 -5.67
CA ILE A 186 9.93 -8.94 -5.41
C ILE A 186 9.62 -9.74 -6.65
N GLU A 187 10.05 -9.28 -7.83
CA GLU A 187 9.66 -9.95 -9.07
C GLU A 187 10.18 -11.37 -9.19
N ASP A 188 11.38 -11.63 -8.70
CA ASP A 188 12.01 -12.94 -8.91
C ASP A 188 11.28 -14.10 -8.19
N GLU A 189 10.90 -13.88 -6.93
CA GLU A 189 10.31 -14.94 -6.10
C GLU A 189 8.98 -14.59 -5.41
N ILE A 190 8.88 -13.38 -4.88
CA ILE A 190 7.70 -12.98 -4.10
C ILE A 190 6.46 -12.92 -4.99
N VAL A 191 6.57 -12.26 -6.14
CA VAL A 191 5.40 -12.11 -7.00
C VAL A 191 4.88 -13.46 -7.44
N PRO A 192 5.76 -14.32 -7.97
CA PRO A 192 5.28 -15.64 -8.37
C PRO A 192 4.63 -16.40 -7.21
N LEU A 193 5.21 -16.32 -6.02
CA LEU A 193 4.67 -17.01 -4.85
C LEU A 193 3.27 -16.49 -4.52
N CYS A 194 3.09 -15.16 -4.54
CA CYS A 194 1.79 -14.61 -4.21
C CYS A 194 0.79 -15.10 -5.25
N ARG A 195 1.21 -15.21 -6.50
CA ARG A 195 0.25 -15.64 -7.52
C ARG A 195 -0.13 -17.12 -7.40
N GLN A 196 0.82 -17.92 -6.99
CA GLN A 196 0.57 -19.32 -6.71
C GLN A 196 -0.45 -19.51 -5.59
N LEU A 197 -0.35 -18.68 -4.55
CA LEU A 197 -1.18 -18.78 -3.36
C LEU A 197 -2.48 -17.94 -3.41
N GLY A 198 -2.65 -17.14 -4.45
CA GLY A 198 -3.81 -16.28 -4.59
C GLY A 198 -3.78 -15.05 -3.70
N ILE A 199 -2.59 -14.59 -3.32
CA ILE A 199 -2.45 -13.47 -2.38
C ILE A 199 -2.31 -12.15 -3.17
N GLY A 200 -3.08 -11.13 -2.78
CA GLY A 200 -3.02 -9.81 -3.40
C GLY A 200 -1.72 -9.08 -3.09
N ILE A 201 -1.30 -8.18 -3.97
CA ILE A 201 -0.03 -7.43 -3.82
C ILE A 201 -0.34 -5.95 -3.67
N VAL A 202 0.16 -5.35 -2.58
CA VAL A 202 -0.10 -3.95 -2.24
C VAL A 202 1.23 -3.21 -2.13
N PRO A 203 1.62 -2.55 -3.25
CA PRO A 203 2.88 -1.82 -3.25
C PRO A 203 2.78 -0.57 -2.39
N TYR A 204 3.73 -0.42 -1.48
CA TYR A 204 3.93 0.86 -0.82
C TYR A 204 5.19 1.55 -1.44
N SER A 205 5.27 2.87 -1.29
CA SER A 205 6.29 3.66 -2.01
C SER A 205 6.29 3.42 -3.51
N PRO A 206 5.11 3.30 -4.11
CA PRO A 206 5.09 3.11 -5.56
C PRO A 206 5.64 4.32 -6.35
N ILE A 207 5.72 5.50 -5.74
CA ILE A 207 6.21 6.68 -6.45
C ILE A 207 7.27 7.48 -5.66
N GLY A 208 7.30 7.35 -4.34
CA GLY A 208 8.11 8.24 -3.51
C GLY A 208 9.60 8.14 -3.71
N ARG A 209 10.10 6.92 -3.88
CA ARG A 209 11.52 6.71 -4.11
C ARG A 209 11.92 7.35 -5.43
N GLY A 210 11.08 7.19 -6.45
CA GLY A 210 11.33 7.81 -7.73
C GLY A 210 11.28 9.32 -7.68
N LEU A 211 10.37 9.87 -6.89
CA LEU A 211 10.27 11.32 -6.72
C LEU A 211 11.53 11.87 -6.09
N PHE A 212 12.01 11.21 -5.03
CA PHE A 212 13.25 11.59 -4.36
C PHE A 212 14.42 11.58 -5.34
N TRP A 213 14.53 10.47 -6.08
CA TRP A 213 15.56 10.34 -7.13
C TRP A 213 15.46 11.42 -8.18
N GLY A 214 14.24 11.67 -8.68
CA GLY A 214 14.03 12.68 -9.68
C GLY A 214 14.50 14.03 -9.20
N LYS A 215 14.27 14.30 -7.92
CA LYS A 215 14.67 15.58 -7.32
C LYS A 215 16.19 15.68 -7.17
N ALA A 216 16.81 14.59 -6.76
CA ALA A 216 18.27 14.56 -6.58
C ALA A 216 18.97 14.75 -7.92
N ILE A 217 18.47 14.05 -8.94
CA ILE A 217 19.08 14.11 -10.27
C ILE A 217 18.81 15.47 -10.89
N LYS A 218 17.63 16.01 -10.63
CA LYS A 218 17.28 17.32 -11.15
C LYS A 218 18.27 18.38 -10.65
N GLU A 219 18.57 18.30 -9.35
CA GLU A 219 19.38 19.32 -8.71
C GLU A 219 20.75 18.78 -8.30
N TYR A 245 16.40 9.80 -16.72
CA TYR A 245 15.60 10.96 -16.29
C TYR A 245 14.80 11.55 -17.44
N TYR A 246 15.51 11.92 -18.51
CA TYR A 246 14.86 12.57 -19.64
C TYR A 246 14.13 11.53 -20.43
N ARG A 247 14.69 10.31 -20.45
CA ARG A 247 14.03 9.21 -21.11
C ARG A 247 12.67 8.98 -20.47
N ILE A 248 12.62 9.00 -19.14
CA ILE A 248 11.35 8.81 -18.47
C ILE A 248 10.40 9.97 -18.77
N GLU A 249 10.92 11.18 -18.71
CA GLU A 249 10.06 12.34 -18.96
C GLU A 249 9.53 12.32 -20.42
N ALA A 250 10.37 11.92 -21.37
CA ALA A 250 9.92 11.87 -22.78
C ALA A 250 8.86 10.80 -22.99
N LEU A 251 8.99 9.70 -22.24
CA LEU A 251 7.98 8.64 -22.31
C LEU A 251 6.67 9.09 -21.66
N SER A 252 6.75 9.79 -20.54
CA SER A 252 5.50 10.32 -20.00
C SER A 252 4.79 11.26 -20.99
N GLN A 253 5.56 12.17 -21.60
CA GLN A 253 5.00 13.12 -22.57
C GLN A 253 4.33 12.38 -23.72
N LYS A 254 5.03 11.38 -24.23
CA LYS A 254 4.52 10.50 -25.28
C LYS A 254 3.18 9.87 -24.92
N HIS A 255 3.06 9.45 -23.65
CA HIS A 255 1.84 8.80 -23.18
C HIS A 255 0.83 9.80 -22.61
N GLY A 256 1.10 11.09 -22.74
CA GLY A 256 0.16 12.11 -22.32
C GLY A 256 -0.08 12.18 -20.81
N CYS A 257 0.96 11.95 -20.02
CA CYS A 257 0.82 12.03 -18.57
C CYS A 257 2.11 12.56 -18.00
N THR A 258 2.13 12.80 -16.70
CA THR A 258 3.33 13.31 -16.08
C THR A 258 4.25 12.18 -15.66
N PRO A 259 5.52 12.50 -15.38
CA PRO A 259 6.46 11.44 -15.00
C PRO A 259 5.95 10.63 -13.80
N VAL A 260 5.35 11.27 -12.78
CA VAL A 260 4.86 10.50 -11.64
C VAL A 260 3.66 9.62 -12.03
N GLN A 261 2.80 10.09 -12.92
CA GLN A 261 1.68 9.28 -13.36
C GLN A 261 2.19 8.07 -14.12
N LEU A 262 3.25 8.27 -14.89
CA LEU A 262 3.81 7.15 -15.64
C LEU A 262 4.34 6.07 -14.68
N ALA A 263 5.03 6.50 -13.64
CA ALA A 263 5.58 5.59 -12.65
C ALA A 263 4.44 4.80 -11.99
N LEU A 264 3.38 5.49 -11.62
CA LEU A 264 2.27 4.86 -10.91
C LEU A 264 1.55 3.93 -11.89
N ALA A 265 1.38 4.37 -13.13
CA ALA A 265 0.74 3.55 -14.16
C ALA A 265 1.53 2.26 -14.44
N TRP A 266 2.85 2.36 -14.34
CA TRP A 266 3.66 1.20 -14.57
C TRP A 266 3.35 0.16 -13.48
N VAL A 267 3.28 0.61 -12.22
CA VAL A 267 2.96 -0.29 -11.11
C VAL A 267 1.55 -0.85 -11.34
N LEU A 268 0.61 0.01 -11.62
CA LEU A 268 -0.78 -0.43 -11.88
C LEU A 268 -0.85 -1.55 -12.94
N HIS A 269 -0.02 -1.45 -13.98
CA HIS A 269 -0.01 -2.42 -15.05
C HIS A 269 0.66 -3.77 -14.75
N GLN A 270 1.22 -3.94 -13.56
CA GLN A 270 1.95 -5.19 -13.29
C GLN A 270 1.01 -6.36 -12.94
N GLY A 271 -0.29 -6.12 -12.84
CA GLY A 271 -1.25 -7.20 -12.66
C GLY A 271 -2.59 -6.78 -12.10
N GLU A 272 -3.58 -7.61 -12.36
CA GLU A 272 -4.92 -7.36 -11.89
C GLU A 272 -4.98 -7.51 -10.37
N ASP A 273 -3.90 -8.06 -9.79
CA ASP A 273 -3.82 -8.36 -8.36
C ASP A 273 -2.96 -7.35 -7.63
N VAL A 274 -2.63 -6.24 -8.30
CA VAL A 274 -1.73 -5.22 -7.73
C VAL A 274 -2.52 -3.94 -7.44
N VAL A 275 -2.57 -3.56 -6.17
CA VAL A 275 -3.25 -2.34 -5.73
C VAL A 275 -2.29 -1.44 -4.92
N PRO A 276 -1.74 -0.40 -5.57
CA PRO A 276 -0.81 0.50 -4.87
C PRO A 276 -1.54 1.47 -3.96
N ILE A 277 -0.84 1.98 -2.96
CA ILE A 277 -1.46 2.86 -1.97
C ILE A 277 -0.61 4.11 -1.82
N PRO A 278 -0.44 4.87 -2.92
CA PRO A 278 0.33 6.10 -2.77
C PRO A 278 -0.33 7.06 -1.76
N GLY A 279 0.49 7.79 -1.01
CA GLY A 279 0.00 8.83 -0.12
C GLY A 279 0.27 10.23 -0.64
N THR A 280 -0.55 11.17 -0.18
CA THR A 280 -0.32 12.59 -0.45
C THR A 280 -1.05 13.41 0.59
N THR A 281 -0.57 14.63 0.77
CA THR A 281 -1.18 15.60 1.68
C THR A 281 -1.81 16.69 0.86
N LYS A 282 -1.78 16.56 -0.46
CA LYS A 282 -2.29 17.63 -1.33
C LYS A 282 -3.36 17.12 -2.27
N ILE A 283 -4.49 17.81 -2.31
CA ILE A 283 -5.60 17.46 -3.23
C ILE A 283 -5.13 17.42 -4.68
N LYS A 284 -4.30 18.38 -5.10
CA LYS A 284 -3.84 18.41 -6.49
C LYS A 284 -3.06 17.15 -6.85
N ASN A 285 -2.22 16.68 -5.95
CA ASN A 285 -1.48 15.45 -6.20
C ASN A 285 -2.40 14.22 -6.13
N LEU A 286 -3.39 14.25 -5.25
CA LEU A 286 -4.41 13.20 -5.20
C LEU A 286 -5.07 13.07 -6.57
N HIS A 287 -5.42 14.21 -7.17
CA HIS A 287 -6.12 14.17 -8.45
C HIS A 287 -5.19 13.65 -9.54
N ASN A 288 -3.90 13.99 -9.42
CA ASN A 288 -2.88 13.52 -10.33
C ASN A 288 -2.75 12.00 -10.23
N ASN A 289 -2.77 11.49 -9.01
CA ASN A 289 -2.60 10.04 -8.82
C ASN A 289 -3.80 9.29 -9.44
N VAL A 290 -4.98 9.80 -9.19
CA VAL A 290 -6.18 9.17 -9.74
C VAL A 290 -6.10 9.17 -11.25
N GLY A 291 -5.61 10.28 -11.79
CA GLY A 291 -5.43 10.43 -13.23
C GLY A 291 -4.53 9.35 -13.86
N ALA A 292 -3.66 8.75 -13.06
CA ALA A 292 -2.76 7.73 -13.58
C ALA A 292 -3.52 6.50 -14.05
N LEU A 293 -4.73 6.31 -13.56
CA LEU A 293 -5.54 5.15 -13.95
C LEU A 293 -5.96 5.26 -15.40
N LYS A 294 -5.93 6.48 -15.94
CA LYS A 294 -6.33 6.71 -17.33
C LYS A 294 -5.27 6.23 -18.33
N VAL A 295 -4.01 6.15 -17.88
CA VAL A 295 -2.91 5.77 -18.72
C VAL A 295 -2.98 4.32 -19.13
N M3L A 296 -2.86 4.07 -20.43
CA M3L A 296 -2.90 2.71 -20.96
CB M3L A 296 -4.04 2.50 -21.99
CG M3L A 296 -5.32 3.06 -21.37
CD M3L A 296 -5.45 2.43 -19.98
CE M3L A 296 -6.52 1.38 -19.98
NZ M3L A 296 -7.29 1.67 -18.75
C M3L A 296 -1.59 2.39 -21.63
O M3L A 296 -1.15 3.12 -22.56
CM1 M3L A 296 -6.48 1.46 -17.56
CM2 M3L A 296 -8.49 0.84 -18.66
CM3 M3L A 296 -7.62 3.04 -18.90
N LEU A 297 -0.97 1.28 -21.22
CA LEU A 297 0.36 0.94 -21.68
C LEU A 297 0.35 -0.48 -22.20
N THR A 298 0.89 -0.67 -23.40
CA THR A 298 1.02 -2.01 -23.98
C THR A 298 2.20 -2.75 -23.37
N LYS A 299 2.26 -4.05 -23.62
CA LYS A 299 3.36 -4.87 -23.12
C LYS A 299 4.67 -4.24 -23.55
N GLU A 300 4.71 -3.81 -24.81
CA GLU A 300 5.86 -3.14 -25.39
C GLU A 300 6.12 -1.79 -24.72
N ASP A 301 5.08 -0.99 -24.54
CA ASP A 301 5.25 0.24 -23.77
C ASP A 301 5.92 -0.06 -22.44
N LEU A 302 5.49 -1.14 -21.79
CA LEU A 302 5.94 -1.41 -20.43
C LEU A 302 7.41 -1.75 -20.41
N LYS A 303 7.83 -2.58 -21.35
CA LYS A 303 9.25 -2.94 -21.47
C LYS A 303 10.10 -1.71 -21.74
N GLU A 304 9.65 -0.89 -22.68
CA GLU A 304 10.35 0.35 -22.99
C GLU A 304 10.56 1.19 -21.72
N ILE A 305 9.53 1.30 -20.88
CA ILE A 305 9.66 2.04 -19.63
C ILE A 305 10.64 1.34 -18.66
N SER A 306 10.52 0.02 -18.54
CA SER A 306 11.41 -0.74 -17.65
C SER A 306 12.85 -0.61 -18.11
N ASP A 307 13.03 -0.81 -19.42
CA ASP A 307 14.34 -0.77 -20.05
C ASP A 307 15.01 0.58 -19.84
N ALA A 308 14.21 1.62 -19.65
CA ALA A 308 14.75 2.96 -19.47
C ALA A 308 15.29 3.14 -18.08
N VAL A 309 14.95 2.22 -17.17
CA VAL A 309 15.34 2.36 -15.78
C VAL A 309 16.08 1.10 -15.30
N PRO A 310 17.39 1.05 -15.53
CA PRO A 310 18.23 -0.08 -15.11
C PRO A 310 18.39 -0.17 -13.59
N TRP A 328 23.23 28.19 -36.54
CA TRP A 328 22.25 27.07 -36.45
C TRP A 328 22.88 25.68 -36.66
N LYS A 329 23.95 25.61 -37.46
CA LYS A 329 24.47 24.33 -37.91
C LYS A 329 24.78 23.37 -36.75
N PHE A 330 25.16 23.94 -35.61
CA PHE A 330 25.49 23.17 -34.40
C PHE A 330 24.50 23.41 -33.26
N ALA A 331 23.34 23.99 -33.57
CA ALA A 331 22.26 24.07 -32.60
C ALA A 331 21.66 22.69 -32.41
N ASN A 332 22.43 21.81 -31.75
CA ASN A 332 22.00 20.46 -31.36
C ASN A 332 21.65 20.32 -29.87
N THR A 333 21.00 19.20 -29.51
CA THR A 333 20.63 18.96 -28.12
C THR A 333 21.04 17.55 -27.70
N PRO A 334 21.11 17.30 -26.40
CA PRO A 334 21.60 15.95 -26.07
C PRO A 334 20.60 14.88 -26.48
N PRO A 335 21.09 13.74 -26.97
CA PRO A 335 20.23 12.64 -27.41
C PRO A 335 19.58 11.93 -26.23
N LEU A 336 18.44 11.29 -26.49
CA LEU A 336 17.72 10.55 -25.46
C LEU A 336 18.40 9.21 -25.14
PB ATR B . 6.53 6.84 0.49
O1B ATR B . 7.68 7.05 -0.44
O2B ATR B . 6.64 8.05 1.39
O3B ATR B . 6.68 5.53 1.30
PA ATR B . 4.64 7.24 -1.59
O1A ATR B . 3.18 7.05 -1.35
O2A ATR B . 5.01 6.36 -2.75
O3A ATR B . 5.15 6.69 -0.22
O5' ATR B . 5.02 8.75 -1.89
C5' ATR B . 4.51 9.83 -1.15
C4' ATR B . 5.27 11.02 -1.38
O4' ATR B . 5.07 11.42 -2.77
C3' ATR B . 4.91 12.20 -0.57
O3' ATR B . 6.06 12.91 -0.29
C2' ATR B . 4.03 13.00 -1.43
O2' ATR B . 4.19 14.32 -1.15
P2' ATR B . 2.94 15.31 -1.15
O1P ATR B . 2.00 15.00 -2.26
O2P ATR B . 2.16 15.18 0.10
O3P ATR B . 3.47 16.77 -1.26
C1' ATR B . 4.52 12.71 -2.82
N9 ATR B . 3.51 12.68 -3.85
C8 ATR B . 2.35 11.95 -3.87
N7 ATR B . 1.69 12.18 -5.02
C5 ATR B . 2.46 13.08 -5.79
C6 ATR B . 2.31 13.69 -7.06
N6 ATR B . 1.17 13.44 -7.90
N1 ATR B . 3.27 14.53 -7.46
C2 ATR B . 4.36 14.81 -6.73
N3 ATR B . 4.55 14.25 -5.52
C4 ATR B . 3.60 13.39 -5.04
#